data_7BM1
#
_entry.id   7BM1
#
_cell.length_a   60.344
_cell.length_b   73.990
_cell.length_c   78.833
_cell.angle_alpha   90.000
_cell.angle_beta   90.000
_cell.angle_gamma   90.000
#
_symmetry.space_group_name_H-M   'P 21 21 21'
#
loop_
_entity.id
_entity.type
_entity.pdbx_description
1 polymer 'Palmitoleoyl-protein carboxylesterase NOTUM'
2 non-polymer 'SULFATE ION'
3 non-polymer 2-acetamido-2-deoxy-beta-D-glucopyranose
4 non-polymer 1,2-ETHANEDIOL
5 non-polymer '(2~{S})-3-methyl-2-[pentanoyl-[[4-[2-(2~{H}-1,2,3,4-tetrazol-5-yl)phenyl]phenyl]methyl]amino]butanoic acid'
6 non-polymer 'DIMETHYL SULFOXIDE'
7 water water
#
_entity_poly.entity_id   1
_entity_poly.type   'polypeptide(L)'
_entity_poly.pdbx_seq_one_letter_code
;ETGSAQQLNEDLRLHLLLNTSVTCNDGSPAGYYLKESRGSRRWLLFLEGGWYCFNRENCDSRYDTMRRLMSSRDWPRTRT
GTGILSSQPEENPYWWNANMVFIPYCSSDVWSGASSKSEKNEYAFMGALIIQEVVRELLGRGLSGAKVLLLAGSSAGGTG
VLLNVDRVAEQLEKLGYPAIQVRGLADSGWFLDNKQYRHTDCVDTITCAPTEAIRRGIRYWNGVVPERCRRQFQEGEEWN
CFFGYKVYPTLRSPVFVVQWLFDEAQLTVDNVHLTGQPVQEGLRLYIQNLGRELRHTLKDVPASFAPACLSHEIIIRSHW
TDVQVKGTSLPRALHCWDRSLHDSHKASKTPLKGCPVHLVDSCPWPHCNPSCPTGTKHHHHHH
;
_entity_poly.pdbx_strand_id   A
#
loop_
_chem_comp.id
_chem_comp.type
_chem_comp.name
_chem_comp.formula
DMS non-polymer 'DIMETHYL SULFOXIDE' 'C2 H6 O S'
EDO non-polymer 1,2-ETHANEDIOL 'C2 H6 O2'
NAG D-saccharide, beta linking 2-acetamido-2-deoxy-beta-D-glucopyranose 'C8 H15 N O6'
SO4 non-polymer 'SULFATE ION' 'O4 S -2'
U35 non-polymer '(2~{S})-3-methyl-2-[pentanoyl-[[4-[2-(2~{H}-1,2,3,4-tetrazol-5-yl)phenyl]phenyl]methyl]amino]butanoic acid' 'C24 H29 N5 O3'
#
# COMPACT_ATOMS: atom_id res chain seq x y z
N ASP A 11 0.42 21.60 -6.92
CA ASP A 11 -0.08 20.47 -7.68
C ASP A 11 1.06 19.56 -8.14
N LEU A 12 0.76 18.28 -8.29
CA LEU A 12 1.68 17.31 -8.87
C LEU A 12 1.38 17.16 -10.37
N ARG A 13 2.43 17.11 -11.17
CA ARG A 13 2.33 17.16 -12.64
C ARG A 13 2.57 15.78 -13.24
N LEU A 14 1.74 15.40 -14.23
CA LEU A 14 1.84 14.09 -14.86
C LEU A 14 3.07 13.96 -15.75
N HIS A 15 3.75 12.82 -15.63
CA HIS A 15 4.77 12.38 -16.59
C HIS A 15 4.45 10.95 -17.01
N LEU A 16 4.16 10.74 -18.29
CA LEU A 16 4.03 9.39 -18.80
C LEU A 16 5.41 8.76 -18.98
N LEU A 17 5.52 7.46 -18.72
CA LEU A 17 6.82 6.81 -18.74
C LEU A 17 7.47 6.92 -20.11
N LEU A 18 8.77 7.19 -20.11
CA LEU A 18 9.51 7.30 -21.37
C LEU A 18 9.69 5.96 -22.05
N ASN A 19 9.74 4.88 -21.28
CA ASN A 19 9.69 3.53 -21.84
C ASN A 19 8.23 3.16 -22.01
N THR A 20 7.72 3.33 -23.24
CA THR A 20 6.30 3.15 -23.51
C THR A 20 5.88 1.69 -23.58
N SER A 21 6.80 0.74 -23.41
CA SER A 21 6.46 -0.67 -23.30
CA SER A 21 6.43 -0.67 -23.31
C SER A 21 6.08 -1.08 -21.87
N VAL A 22 6.20 -0.17 -20.90
CA VAL A 22 5.76 -0.40 -19.54
C VAL A 22 4.37 0.24 -19.44
N THR A 23 3.33 -0.60 -19.43
CA THR A 23 1.98 -0.15 -19.79
C THR A 23 0.96 -0.48 -18.71
N CYS A 24 -0.13 0.29 -18.74
CA CYS A 24 -1.37 -0.04 -18.06
C CYS A 24 -2.01 -1.26 -18.73
N ASN A 25 -3.16 -1.69 -18.18
CA ASN A 25 -3.82 -2.92 -18.66
C ASN A 25 -4.07 -2.92 -20.17
N ASP A 26 -4.50 -1.79 -20.73
CA ASP A 26 -4.90 -1.75 -22.14
C ASP A 26 -3.77 -1.41 -23.10
N GLY A 27 -2.52 -1.36 -22.61
CA GLY A 27 -1.38 -1.05 -23.46
C GLY A 27 -1.01 0.40 -23.57
N SER A 28 -1.78 1.31 -22.97
CA SER A 28 -1.39 2.70 -22.90
C SER A 28 -0.26 2.87 -21.87
N PRO A 29 0.56 3.92 -22.01
CA PRO A 29 1.70 4.07 -21.09
C PRO A 29 1.28 4.32 -19.65
N ALA A 30 1.99 3.70 -18.72
CA ALA A 30 1.84 4.04 -17.31
C ALA A 30 2.56 5.37 -17.03
N GLY A 31 2.57 5.82 -15.78
CA GLY A 31 3.20 7.09 -15.48
C GLY A 31 3.19 7.42 -13.99
N TYR A 32 3.50 8.68 -13.67
CA TYR A 32 3.57 9.15 -12.29
C TYR A 32 3.30 10.66 -12.26
N TYR A 33 2.83 11.15 -11.10
CA TYR A 33 2.66 12.58 -10.86
C TYR A 33 3.74 13.03 -9.89
N LEU A 34 4.38 14.18 -10.16
CA LEU A 34 5.56 14.64 -9.42
C LEU A 34 5.46 16.11 -9.02
N LYS A 35 5.80 16.41 -7.75
CA LYS A 35 6.11 17.79 -7.31
C LYS A 35 7.46 17.77 -6.62
N GLU A 36 8.46 18.43 -7.23
CA GLU A 36 9.80 18.44 -6.67
C GLU A 36 9.91 19.49 -5.55
N SER A 37 10.79 19.20 -4.59
CA SER A 37 11.12 20.13 -3.50
C SER A 37 12.65 20.17 -3.44
N ARG A 38 13.25 21.16 -4.10
CA ARG A 38 14.69 21.13 -4.34
C ARG A 38 15.53 21.30 -3.08
N GLY A 39 14.96 21.83 -2.00
CA GLY A 39 15.73 21.87 -0.78
C GLY A 39 15.70 20.61 0.07
N SER A 40 15.14 19.50 -0.43
CA SER A 40 14.90 18.32 0.39
C SER A 40 15.53 17.06 -0.23
N ARG A 41 16.07 16.21 0.63
CA ARG A 41 16.59 14.91 0.25
C ARG A 41 15.64 13.75 0.59
N ARG A 42 14.38 14.04 0.91
CA ARG A 42 13.38 13.02 1.18
C ARG A 42 12.46 12.86 -0.03
N TRP A 43 12.14 11.60 -0.36
CA TRP A 43 11.29 11.28 -1.51
C TRP A 43 10.20 10.32 -1.04
N LEU A 44 8.95 10.71 -1.26
CA LEU A 44 7.79 9.88 -0.93
C LEU A 44 7.15 9.41 -2.23
N LEU A 45 7.11 8.09 -2.43
CA LEU A 45 6.46 7.46 -3.59
C LEU A 45 5.25 6.69 -3.11
N PHE A 46 4.06 7.10 -3.55
CA PHE A 46 2.79 6.59 -3.04
C PHE A 46 2.07 5.75 -4.09
N LEU A 47 1.71 4.51 -3.72
CA LEU A 47 0.99 3.57 -4.58
C LEU A 47 -0.52 3.65 -4.32
N GLU A 48 -1.29 4.07 -5.34
CA GLU A 48 -2.75 4.06 -5.26
C GLU A 48 -3.30 2.63 -5.13
N GLY A 49 -4.47 2.50 -4.49
CA GLY A 49 -5.21 1.24 -4.44
C GLY A 49 -6.44 1.20 -5.34
N GLY A 50 -7.25 0.15 -5.15
CA GLY A 50 -8.48 -0.01 -5.93
C GLY A 50 -8.82 -1.43 -6.40
N TRP A 51 -8.84 -2.39 -5.50
CA TRP A 51 -9.22 -3.79 -5.82
C TRP A 51 -8.22 -4.40 -6.82
N TYR A 52 -8.72 -5.26 -7.70
CA TYR A 52 -7.96 -5.98 -8.73
C TYR A 52 -8.98 -6.71 -9.60
N CYS A 53 -8.49 -7.36 -10.68
CA CYS A 53 -9.33 -8.24 -11.48
C CYS A 53 -8.54 -9.51 -11.81
N PHE A 54 -9.25 -10.64 -12.00
CA PHE A 54 -8.56 -11.93 -12.00
C PHE A 54 -8.89 -12.90 -13.11
N ASN A 55 -9.73 -12.53 -14.09
CA ASN A 55 -9.96 -13.33 -15.29
C ASN A 55 -10.49 -12.40 -16.37
N ARG A 56 -10.72 -12.96 -17.57
CA ARG A 56 -11.09 -12.12 -18.71
C ARG A 56 -12.41 -11.41 -18.48
N GLU A 57 -13.43 -12.15 -18.02
CA GLU A 57 -14.76 -11.56 -17.87
C GLU A 57 -14.78 -10.51 -16.76
N ASN A 58 -14.08 -10.78 -15.66
CA ASN A 58 -14.02 -9.83 -14.54
C ASN A 58 -13.24 -8.57 -14.92
N CYS A 59 -12.15 -8.72 -15.69
CA CYS A 59 -11.42 -7.55 -16.15
C CYS A 59 -12.19 -6.75 -17.20
N ASP A 60 -12.98 -7.43 -18.06
CA ASP A 60 -13.80 -6.72 -19.05
C ASP A 60 -14.82 -5.81 -18.39
N SER A 61 -15.45 -6.30 -17.31
N SER A 61 -15.43 -6.27 -17.29
CA SER A 61 -16.39 -5.48 -16.55
CA SER A 61 -16.40 -5.44 -16.59
C SER A 61 -15.71 -4.24 -15.96
C SER A 61 -15.73 -4.24 -15.92
N ARG A 62 -14.54 -4.44 -15.36
CA ARG A 62 -13.79 -3.31 -14.78
C ARG A 62 -13.40 -2.30 -15.85
N TYR A 63 -13.16 -2.76 -17.09
CA TYR A 63 -12.79 -1.83 -18.16
C TYR A 63 -13.96 -0.95 -18.58
N ASP A 64 -15.19 -1.40 -18.34
CA ASP A 64 -16.39 -0.65 -18.70
C ASP A 64 -16.68 0.49 -17.72
N THR A 65 -16.47 0.29 -16.42
CA THR A 65 -16.91 1.25 -15.42
C THR A 65 -15.83 1.71 -14.43
N MET A 66 -14.58 1.27 -14.59
CA MET A 66 -13.45 1.69 -13.77
C MET A 66 -12.22 1.86 -14.66
N ARG A 67 -12.41 2.50 -15.82
CA ARG A 67 -11.37 2.51 -16.86
C ARG A 67 -10.12 3.27 -16.46
N ARG A 68 -10.23 4.29 -15.60
CA ARG A 68 -9.02 5.00 -15.18
C ARG A 68 -8.07 4.12 -14.37
N LEU A 69 -8.58 3.01 -13.82
CA LEU A 69 -7.76 2.01 -13.15
C LEU A 69 -7.20 0.96 -14.12
N MET A 70 -7.36 1.16 -15.43
CA MET A 70 -6.91 0.21 -16.44
C MET A 70 -6.23 0.87 -17.64
N SER A 71 -6.07 2.20 -17.63
CA SER A 71 -5.71 2.96 -18.82
C SER A 71 -5.32 4.37 -18.41
N SER A 72 -4.35 4.95 -19.13
CA SER A 72 -3.93 6.34 -18.92
C SER A 72 -4.57 7.32 -19.91
N ARG A 73 -5.43 6.82 -20.81
CA ARG A 73 -5.92 7.64 -21.92
C ARG A 73 -6.70 8.86 -21.43
N ASP A 74 -7.34 8.78 -20.26
CA ASP A 74 -8.19 9.84 -19.75
C ASP A 74 -7.63 10.52 -18.48
N TRP A 75 -6.35 10.31 -18.18
CA TRP A 75 -5.79 10.87 -16.96
C TRP A 75 -5.65 12.39 -17.06
N PRO A 76 -5.87 13.12 -15.97
CA PRO A 76 -5.67 14.58 -16.00
C PRO A 76 -4.19 14.97 -15.95
N ARG A 77 -3.93 16.21 -16.35
CA ARG A 77 -2.56 16.69 -16.44
C ARG A 77 -1.95 16.98 -15.07
N THR A 78 -2.77 17.26 -14.06
CA THR A 78 -2.31 17.52 -12.71
C THR A 78 -3.23 16.84 -11.71
N ARG A 79 -2.74 16.72 -10.47
CA ARG A 79 -3.52 16.30 -9.31
C ARG A 79 -3.03 17.11 -8.11
N THR A 80 -3.91 17.27 -7.11
CA THR A 80 -3.54 17.93 -5.87
C THR A 80 -3.09 16.90 -4.83
N GLY A 81 -1.98 17.19 -4.15
CA GLY A 81 -1.54 16.31 -3.06
C GLY A 81 -2.31 16.60 -1.78
N THR A 82 -2.79 15.53 -1.13
CA THR A 82 -3.57 15.63 0.10
C THR A 82 -3.03 14.67 1.16
N GLY A 83 -3.29 15.02 2.42
CA GLY A 83 -2.85 14.17 3.53
C GLY A 83 -1.33 14.12 3.59
N ILE A 84 -0.78 12.89 3.62
CA ILE A 84 0.66 12.70 3.65
C ILE A 84 1.33 13.21 2.37
N LEU A 85 0.55 13.41 1.29
CA LEU A 85 1.06 14.01 0.05
C LEU A 85 0.92 15.53 0.01
N SER A 86 0.40 16.17 1.06
CA SER A 86 0.27 17.62 1.07
C SER A 86 1.61 18.30 1.40
N SER A 87 1.84 19.46 0.76
CA SER A 87 3.03 20.28 0.99
C SER A 87 2.82 21.37 2.04
N GLN A 88 1.64 21.39 2.70
CA GLN A 88 1.30 22.41 3.69
C GLN A 88 1.56 21.87 5.09
N PRO A 89 2.36 22.56 5.91
CA PRO A 89 2.67 22.03 7.25
C PRO A 89 1.46 21.75 8.12
N GLU A 90 0.40 22.56 8.01
CA GLU A 90 -0.78 22.34 8.84
C GLU A 90 -1.50 21.03 8.48
N GLU A 91 -1.48 20.65 7.20
CA GLU A 91 -2.13 19.41 6.77
C GLU A 91 -1.22 18.19 6.91
N ASN A 92 0.10 18.40 6.83
CA ASN A 92 1.09 17.30 6.83
C ASN A 92 2.23 17.68 7.77
N PRO A 93 2.05 17.50 9.08
CA PRO A 93 3.15 17.78 10.02
C PRO A 93 4.37 16.90 9.83
N TYR A 94 4.22 15.75 9.16
CA TYR A 94 5.30 14.76 9.04
C TYR A 94 6.33 15.15 8.00
N TRP A 95 5.94 15.20 6.71
CA TRP A 95 6.88 15.30 5.59
C TRP A 95 6.48 16.38 4.58
N TRP A 96 5.95 17.52 5.05
CA TRP A 96 5.46 18.56 4.14
C TRP A 96 6.51 19.09 3.17
N ASN A 97 7.79 18.99 3.48
CA ASN A 97 8.83 19.54 2.61
C ASN A 97 9.44 18.52 1.64
N ALA A 98 8.90 17.29 1.58
CA ALA A 98 9.49 16.24 0.76
C ALA A 98 9.16 16.40 -0.73
N ASN A 99 9.94 15.72 -1.56
CA ASN A 99 9.59 15.49 -2.96
C ASN A 99 8.45 14.47 -3.02
N MET A 100 7.35 14.83 -3.70
CA MET A 100 6.12 14.05 -3.68
C MET A 100 5.85 13.36 -5.02
N VAL A 101 5.54 12.06 -4.96
CA VAL A 101 5.24 11.27 -6.16
C VAL A 101 3.99 10.42 -5.90
N PHE A 102 3.00 10.55 -6.78
CA PHE A 102 1.79 9.72 -6.75
C PHE A 102 1.81 8.84 -8.00
N ILE A 103 1.81 7.52 -7.80
CA ILE A 103 1.86 6.56 -8.91
C ILE A 103 0.46 5.97 -9.09
N PRO A 104 -0.25 6.28 -10.18
CA PRO A 104 -1.59 5.71 -10.38
C PRO A 104 -1.56 4.20 -10.56
N TYR A 105 -2.61 3.56 -10.05
CA TYR A 105 -2.79 2.10 -10.12
C TYR A 105 -3.58 1.82 -11.39
N CYS A 106 -2.90 1.30 -12.42
CA CYS A 106 -3.57 0.99 -13.68
C CYS A 106 -3.25 -0.42 -14.18
N SER A 107 -2.85 -1.33 -13.29
CA SER A 107 -2.47 -2.69 -13.64
C SER A 107 -3.33 -3.77 -13.00
N SER A 108 -4.18 -3.44 -12.03
CA SER A 108 -5.25 -4.36 -11.57
C SER A 108 -4.71 -5.67 -10.99
N ASP A 109 -3.47 -5.64 -10.46
CA ASP A 109 -2.74 -6.85 -10.07
C ASP A 109 -2.11 -6.75 -8.68
N VAL A 110 -2.62 -5.86 -7.82
CA VAL A 110 -2.04 -5.61 -6.49
C VAL A 110 -0.54 -5.31 -6.60
N TRP A 111 -0.13 -4.69 -7.71
CA TRP A 111 1.25 -4.24 -7.94
C TRP A 111 2.23 -5.42 -8.08
N SER A 112 1.76 -6.60 -8.49
CA SER A 112 2.58 -7.80 -8.54
C SER A 112 2.93 -8.31 -9.93
N GLY A 113 2.36 -7.74 -11.00
CA GLY A 113 2.45 -8.39 -12.30
C GLY A 113 3.72 -8.07 -13.07
N ALA A 114 4.07 -8.98 -13.97
CA ALA A 114 5.19 -8.80 -14.89
C ALA A 114 4.89 -9.50 -16.22
N SER A 115 3.78 -9.11 -16.86
N SER A 115 3.77 -9.14 -16.85
CA SER A 115 3.32 -9.75 -18.09
CA SER A 115 3.35 -9.76 -18.10
C SER A 115 2.79 -8.71 -19.06
C SER A 115 2.81 -8.70 -19.05
N SER A 116 3.25 -8.77 -20.31
CA SER A 116 2.85 -7.84 -21.35
C SER A 116 1.64 -8.34 -22.13
N LYS A 117 0.90 -7.40 -22.70
CA LYS A 117 -0.11 -7.72 -23.71
C LYS A 117 0.56 -8.40 -24.89
N SER A 118 -0.12 -9.38 -25.49
CA SER A 118 0.50 -10.17 -26.55
C SER A 118 -0.58 -10.85 -27.39
N GLU A 119 -0.15 -11.72 -28.29
CA GLU A 119 -1.07 -12.54 -29.08
C GLU A 119 -1.94 -13.42 -28.19
N LYS A 120 -1.44 -13.80 -27.00
CA LYS A 120 -2.14 -14.68 -26.09
C LYS A 120 -2.75 -13.97 -24.89
N ASN A 121 -2.48 -12.67 -24.71
CA ASN A 121 -2.90 -11.94 -23.51
C ASN A 121 -3.69 -10.71 -23.92
N GLU A 122 -4.97 -10.66 -23.55
CA GLU A 122 -5.80 -9.49 -23.85
C GLU A 122 -5.33 -8.26 -23.09
N TYR A 123 -4.86 -8.43 -21.85
CA TYR A 123 -4.41 -7.33 -21.00
C TYR A 123 -2.97 -7.54 -20.57
N ALA A 124 -2.31 -6.43 -20.25
CA ALA A 124 -0.98 -6.42 -19.65
C ALA A 124 -1.13 -6.23 -18.15
N PHE A 125 -0.35 -6.98 -17.37
CA PHE A 125 -0.33 -6.83 -15.91
C PHE A 125 1.13 -6.57 -15.51
N MET A 126 1.49 -5.28 -15.33
CA MET A 126 2.90 -4.90 -15.19
C MET A 126 3.20 -4.11 -13.91
N GLY A 127 2.41 -4.29 -12.85
CA GLY A 127 2.57 -3.45 -11.67
C GLY A 127 3.96 -3.45 -11.06
N ALA A 128 4.60 -4.62 -10.97
CA ALA A 128 5.94 -4.67 -10.40
C ALA A 128 6.97 -3.98 -11.29
N LEU A 129 6.77 -4.05 -12.61
CA LEU A 129 7.66 -3.36 -13.55
C LEU A 129 7.40 -1.85 -13.58
N ILE A 130 6.16 -1.42 -13.35
CA ILE A 130 5.85 0.01 -13.31
C ILE A 130 6.63 0.69 -12.18
N ILE A 131 6.65 0.07 -11.00
CA ILE A 131 7.38 0.64 -9.86
C ILE A 131 8.87 0.75 -10.18
N GLN A 132 9.45 -0.31 -10.75
CA GLN A 132 10.87 -0.29 -11.10
C GLN A 132 11.18 0.80 -12.11
N GLU A 133 10.29 1.01 -13.09
CA GLU A 133 10.57 1.99 -14.14
C GLU A 133 10.40 3.42 -13.64
N VAL A 134 9.41 3.67 -12.77
CA VAL A 134 9.29 4.97 -12.12
C VAL A 134 10.58 5.30 -11.37
N VAL A 135 11.08 4.34 -10.57
CA VAL A 135 12.30 4.60 -9.79
C VAL A 135 13.46 4.94 -10.72
N ARG A 136 13.62 4.16 -11.80
CA ARG A 136 14.74 4.39 -12.71
C ARG A 136 14.67 5.77 -13.38
N GLU A 137 13.47 6.19 -13.79
CA GLU A 137 13.34 7.49 -14.46
C GLU A 137 13.48 8.66 -13.47
N LEU A 138 13.09 8.47 -12.20
CA LEU A 138 13.25 9.53 -11.20
C LEU A 138 14.72 9.78 -10.83
N LEU A 139 15.59 8.79 -11.02
CA LEU A 139 17.00 8.98 -10.65
C LEU A 139 17.62 10.16 -11.41
N GLY A 140 17.22 10.36 -12.67
CA GLY A 140 17.68 11.50 -13.45
C GLY A 140 17.00 12.81 -13.14
N ARG A 141 15.97 12.79 -12.28
CA ARG A 141 15.24 13.98 -11.88
C ARG A 141 15.50 14.38 -10.44
N GLY A 142 16.55 13.83 -9.82
CA GLY A 142 16.96 14.21 -8.48
C GLY A 142 16.96 13.10 -7.47
N LEU A 143 16.28 11.98 -7.73
CA LEU A 143 16.29 10.87 -6.78
C LEU A 143 17.70 10.38 -6.48
N SER A 144 18.65 10.58 -7.41
CA SER A 144 20.01 10.13 -7.19
C SER A 144 20.65 10.78 -5.98
N GLY A 145 20.16 11.94 -5.56
CA GLY A 145 20.67 12.62 -4.38
C GLY A 145 19.90 12.40 -3.10
N ALA A 146 18.97 11.45 -3.07
CA ALA A 146 18.13 11.24 -1.90
C ALA A 146 18.90 10.60 -0.76
N LYS A 147 18.46 10.91 0.47
CA LYS A 147 18.88 10.15 1.64
C LYS A 147 17.84 9.11 2.09
N VAL A 148 16.54 9.36 1.86
CA VAL A 148 15.49 8.41 2.23
C VAL A 148 14.46 8.35 1.11
N LEU A 149 14.11 7.14 0.68
CA LEU A 149 12.97 6.87 -0.22
C LEU A 149 11.93 6.08 0.58
N LEU A 150 10.80 6.72 0.88
CA LEU A 150 9.67 6.07 1.55
C LEU A 150 8.66 5.61 0.51
N LEU A 151 8.51 4.29 0.37
CA LEU A 151 7.50 3.69 -0.51
C LEU A 151 6.25 3.45 0.33
N ALA A 152 5.19 4.23 0.07
CA ALA A 152 3.94 4.19 0.82
C ALA A 152 2.80 3.78 -0.11
N GLY A 153 1.65 3.41 0.47
CA GLY A 153 0.49 3.04 -0.32
C GLY A 153 -0.69 2.69 0.56
N SER A 154 -1.90 2.77 -0.03
CA SER A 154 -3.16 2.49 0.67
C SER A 154 -3.95 1.39 -0.02
N SER A 155 -4.55 0.50 0.79
CA SER A 155 -5.44 -0.57 0.32
C SER A 155 -4.65 -1.54 -0.55
N ALA A 156 -5.05 -1.81 -1.81
CA ALA A 156 -4.20 -2.64 -2.67
C ALA A 156 -2.79 -2.06 -2.81
N GLY A 157 -2.66 -0.73 -2.70
CA GLY A 157 -1.34 -0.11 -2.68
C GLY A 157 -0.55 -0.40 -1.42
N GLY A 158 -1.23 -0.58 -0.29
CA GLY A 158 -0.52 -0.97 0.93
C GLY A 158 0.02 -2.39 0.84
N THR A 159 -0.79 -3.33 0.34
CA THR A 159 -0.25 -4.66 0.06
C THR A 159 0.89 -4.59 -0.95
N GLY A 160 0.76 -3.70 -1.94
CA GLY A 160 1.82 -3.49 -2.92
C GLY A 160 3.15 -3.06 -2.31
N VAL A 161 3.09 -2.24 -1.25
CA VAL A 161 4.32 -1.87 -0.52
C VAL A 161 5.01 -3.12 0.02
N LEU A 162 4.25 -3.99 0.68
CA LEU A 162 4.81 -5.21 1.26
C LEU A 162 5.45 -6.08 0.17
N LEU A 163 4.84 -6.11 -1.02
CA LEU A 163 5.33 -6.97 -2.10
C LEU A 163 6.54 -6.38 -2.84
N ASN A 164 6.80 -5.07 -2.74
CA ASN A 164 7.79 -4.42 -3.59
C ASN A 164 8.92 -3.66 -2.88
N VAL A 165 8.81 -3.38 -1.58
CA VAL A 165 9.80 -2.53 -0.91
C VAL A 165 11.22 -3.13 -0.99
N ASP A 166 11.37 -4.44 -0.78
CA ASP A 166 12.72 -5.03 -0.84
C ASP A 166 13.26 -5.06 -2.26
N ARG A 167 12.39 -5.16 -3.27
CA ARG A 167 12.87 -5.14 -4.65
C ARG A 167 13.38 -3.75 -5.05
N VAL A 168 12.73 -2.69 -4.57
CA VAL A 168 13.25 -1.33 -4.79
C VAL A 168 14.62 -1.18 -4.14
N ALA A 169 14.76 -1.65 -2.90
CA ALA A 169 16.05 -1.60 -2.21
C ALA A 169 17.13 -2.32 -3.01
N GLU A 170 16.82 -3.51 -3.54
CA GLU A 170 17.84 -4.25 -4.28
C GLU A 170 18.15 -3.58 -5.62
N GLN A 171 17.15 -2.99 -6.27
CA GLN A 171 17.36 -2.29 -7.54
C GLN A 171 18.33 -1.12 -7.38
N LEU A 172 18.14 -0.32 -6.33
CA LEU A 172 19.04 0.81 -6.12
C LEU A 172 20.45 0.35 -5.81
N GLU A 173 20.59 -0.78 -5.10
CA GLU A 173 21.93 -1.31 -4.81
C GLU A 173 22.64 -1.74 -6.08
N LYS A 174 21.94 -2.49 -6.94
CA LYS A 174 22.54 -3.00 -8.18
C LYS A 174 22.85 -1.89 -9.18
N LEU A 175 22.09 -0.79 -9.15
CA LEU A 175 22.33 0.34 -10.04
C LEU A 175 23.44 1.26 -9.55
N GLY A 176 23.89 1.11 -8.31
CA GLY A 176 25.03 1.85 -7.81
C GLY A 176 24.72 2.98 -6.85
N TYR A 177 23.61 2.91 -6.12
CA TYR A 177 23.18 3.97 -5.22
C TYR A 177 23.00 3.40 -3.81
N PRO A 178 24.11 3.09 -3.13
CA PRO A 178 24.01 2.40 -1.83
C PRO A 178 23.60 3.30 -0.69
N ALA A 179 23.63 4.62 -0.85
CA ALA A 179 23.38 5.54 0.25
C ALA A 179 21.90 5.86 0.45
N ILE A 180 21.04 5.51 -0.50
CA ILE A 180 19.61 5.78 -0.37
C ILE A 180 18.99 4.73 0.55
N GLN A 181 18.41 5.19 1.67
CA GLN A 181 17.72 4.29 2.60
C GLN A 181 16.27 4.07 2.15
N VAL A 182 15.93 2.83 1.78
CA VAL A 182 14.57 2.49 1.35
C VAL A 182 13.75 1.97 2.52
N ARG A 183 12.55 2.52 2.71
CA ARG A 183 11.64 2.14 3.79
C ARG A 183 10.21 2.05 3.24
N GLY A 184 9.33 1.40 4.00
CA GLY A 184 7.95 1.21 3.55
C GLY A 184 6.92 1.66 4.57
N LEU A 185 5.78 2.12 4.06
CA LEU A 185 4.61 2.52 4.87
C LEU A 185 3.37 1.87 4.27
N ALA A 186 2.85 0.82 4.90
CA ALA A 186 1.72 0.06 4.35
C ALA A 186 0.44 0.41 5.11
N ASP A 187 -0.49 1.11 4.44
CA ASP A 187 -1.75 1.58 5.02
C ASP A 187 -2.92 0.73 4.51
N SER A 188 -3.68 0.12 5.43
CA SER A 188 -4.92 -0.58 5.09
C SER A 188 -4.71 -1.71 4.10
N GLY A 189 -3.55 -2.36 4.16
CA GLY A 189 -3.25 -3.50 3.31
C GLY A 189 -2.87 -4.77 4.06
N TRP A 190 -3.25 -4.86 5.34
CA TRP A 190 -2.85 -5.94 6.26
C TRP A 190 -4.09 -6.79 6.60
N PHE A 191 -4.29 -7.89 5.87
CA PHE A 191 -5.53 -8.66 5.91
C PHE A 191 -5.33 -10.06 6.53
N LEU A 192 -6.44 -10.65 6.99
CA LEU A 192 -6.45 -12.00 7.57
C LEU A 192 -7.19 -12.95 6.64
N ASP A 193 -6.59 -14.12 6.41
CA ASP A 193 -7.25 -15.21 5.68
C ASP A 193 -8.07 -16.07 6.66
N ASN A 194 -9.09 -15.43 7.23
CA ASN A 194 -9.91 -16.02 8.30
C ASN A 194 -11.18 -16.67 7.73
N LYS A 195 -11.98 -17.22 8.64
CA LYS A 195 -13.28 -17.79 8.27
C LYS A 195 -14.31 -16.67 8.18
N GLN A 196 -15.20 -16.78 7.19
CA GLN A 196 -16.27 -15.79 7.04
C GLN A 196 -17.34 -15.95 8.12
N TYR A 197 -18.05 -14.85 8.41
CA TYR A 197 -19.18 -14.91 9.33
C TYR A 197 -20.32 -15.70 8.72
N ARG A 198 -20.59 -15.48 7.44
CA ARG A 198 -21.54 -16.26 6.66
C ARG A 198 -20.89 -16.64 5.33
N HIS A 199 -21.17 -17.86 4.88
CA HIS A 199 -20.50 -18.39 3.70
C HIS A 199 -21.31 -18.15 2.43
N ALA A 209 -14.47 -16.15 -2.65
CA ALA A 209 -13.33 -16.71 -1.92
C ALA A 209 -12.06 -15.91 -2.19
N PRO A 210 -11.72 -15.01 -1.25
CA PRO A 210 -10.58 -14.11 -1.49
C PRO A 210 -9.25 -14.82 -1.71
N THR A 211 -8.94 -15.86 -0.92
CA THR A 211 -7.69 -16.58 -1.16
C THR A 211 -7.71 -17.28 -2.50
N GLU A 212 -8.88 -17.76 -2.94
CA GLU A 212 -8.97 -18.40 -4.24
C GLU A 212 -8.85 -17.38 -5.37
N ALA A 213 -9.44 -16.19 -5.21
CA ALA A 213 -9.33 -15.17 -6.23
C ALA A 213 -7.89 -14.68 -6.38
N ILE A 214 -7.17 -14.53 -5.26
CA ILE A 214 -5.74 -14.18 -5.33
C ILE A 214 -4.95 -15.28 -6.03
N ARG A 215 -5.20 -16.55 -5.70
CA ARG A 215 -4.48 -17.65 -6.35
C ARG A 215 -4.71 -17.64 -7.85
N ARG A 216 -5.96 -17.43 -8.29
CA ARG A 216 -6.24 -17.36 -9.72
C ARG A 216 -5.61 -16.14 -10.36
N GLY A 217 -5.64 -15.00 -9.64
CA GLY A 217 -5.03 -13.78 -10.16
C GLY A 217 -3.55 -13.93 -10.42
N ILE A 218 -2.81 -14.52 -9.46
CA ILE A 218 -1.37 -14.69 -9.63
C ILE A 218 -1.04 -15.41 -10.93
N ARG A 219 -1.82 -16.47 -11.26
CA ARG A 219 -1.57 -17.20 -12.50
C ARG A 219 -1.92 -16.36 -13.72
N TYR A 220 -3.02 -15.60 -13.65
CA TYR A 220 -3.45 -14.75 -14.76
C TYR A 220 -2.46 -13.61 -15.03
N TRP A 221 -1.82 -13.09 -13.98
CA TRP A 221 -0.97 -11.91 -14.07
C TRP A 221 0.50 -12.23 -14.30
N ASN A 222 0.90 -13.49 -14.16
CA ASN A 222 2.30 -13.84 -13.91
C ASN A 222 2.84 -13.04 -12.74
N GLY A 223 2.15 -13.14 -11.60
CA GLY A 223 2.49 -12.33 -10.44
C GLY A 223 3.75 -12.81 -9.75
N VAL A 224 4.48 -11.85 -9.18
CA VAL A 224 5.73 -12.15 -8.47
C VAL A 224 5.64 -11.66 -7.03
N VAL A 225 6.29 -12.39 -6.13
CA VAL A 225 6.29 -12.08 -4.69
C VAL A 225 7.73 -11.96 -4.21
N PRO A 226 7.99 -11.41 -3.02
CA PRO A 226 9.38 -11.29 -2.53
C PRO A 226 10.07 -12.64 -2.39
N GLU A 227 11.39 -12.64 -2.65
CA GLU A 227 12.13 -13.88 -2.85
C GLU A 227 12.14 -14.78 -1.61
N ARG A 228 12.44 -14.23 -0.43
CA ARG A 228 12.49 -15.08 0.77
C ARG A 228 11.14 -15.70 1.08
N CYS A 229 10.06 -14.92 0.90
CA CYS A 229 8.72 -15.46 1.13
C CYS A 229 8.38 -16.55 0.11
N ARG A 230 8.75 -16.33 -1.16
CA ARG A 230 8.55 -17.34 -2.19
C ARG A 230 9.26 -18.65 -1.84
N ARG A 231 10.48 -18.55 -1.30
CA ARG A 231 11.24 -19.74 -0.98
C ARG A 231 10.67 -20.50 0.21
N GLN A 232 10.02 -19.81 1.15
CA GLN A 232 9.36 -20.48 2.28
C GLN A 232 8.14 -21.27 1.83
N PHE A 233 7.26 -20.65 1.04
CA PHE A 233 5.98 -21.25 0.71
C PHE A 233 6.01 -22.14 -0.53
N GLN A 234 6.93 -21.86 -1.47
CA GLN A 234 7.20 -22.68 -2.65
C GLN A 234 6.08 -22.70 -3.69
N GLU A 235 6.26 -23.52 -4.73
CA GLU A 235 5.43 -23.40 -5.92
C GLU A 235 3.96 -23.71 -5.62
N GLY A 236 3.07 -22.90 -6.20
CA GLY A 236 1.65 -23.04 -6.00
C GLY A 236 1.10 -22.33 -4.77
N GLU A 237 1.95 -21.95 -3.82
CA GLU A 237 1.53 -21.38 -2.54
C GLU A 237 1.93 -19.91 -2.38
N GLU A 238 2.26 -19.23 -3.48
CA GLU A 238 2.69 -17.84 -3.40
C GLU A 238 1.58 -16.88 -2.94
N TRP A 239 0.31 -17.31 -3.01
CA TRP A 239 -0.79 -16.50 -2.49
C TRP A 239 -0.58 -16.14 -1.01
N ASN A 240 0.13 -16.98 -0.25
CA ASN A 240 0.40 -16.70 1.16
C ASN A 240 1.11 -15.36 1.36
N CYS A 241 1.96 -14.97 0.41
CA CYS A 241 2.76 -13.76 0.53
C CYS A 241 1.96 -12.48 0.35
N PHE A 242 0.67 -12.57 -0.03
CA PHE A 242 -0.21 -11.40 -0.08
C PHE A 242 -0.78 -11.04 1.29
N PHE A 243 -0.51 -11.86 2.32
CA PHE A 243 -1.05 -11.65 3.65
C PHE A 243 0.05 -11.10 4.57
N GLY A 244 -0.18 -9.88 5.08
CA GLY A 244 0.87 -9.15 5.78
C GLY A 244 1.55 -9.94 6.87
N TYR A 245 0.78 -10.64 7.71
CA TYR A 245 1.40 -11.33 8.84
C TYR A 245 2.32 -12.47 8.40
N LYS A 246 2.20 -12.94 7.15
CA LYS A 246 3.11 -13.96 6.63
C LYS A 246 4.30 -13.39 5.86
N VAL A 247 4.12 -12.30 5.11
CA VAL A 247 5.22 -11.75 4.33
C VAL A 247 6.10 -10.79 5.14
N TYR A 248 5.51 -10.04 6.08
CA TYR A 248 6.26 -9.08 6.89
C TYR A 248 7.50 -9.65 7.55
N PRO A 249 7.47 -10.80 8.24
CA PRO A 249 8.69 -11.30 8.89
C PRO A 249 9.84 -11.63 7.94
N THR A 250 9.57 -11.76 6.64
CA THR A 250 10.61 -12.08 5.67
C THR A 250 11.34 -10.85 5.12
N LEU A 251 10.83 -9.65 5.38
CA LEU A 251 11.36 -8.43 4.76
C LEU A 251 12.56 -7.87 5.52
N ARG A 252 13.51 -7.30 4.78
CA ARG A 252 14.68 -6.67 5.40
C ARG A 252 14.53 -5.15 5.56
N SER A 253 13.80 -4.47 4.68
CA SER A 253 13.64 -3.02 4.80
C SER A 253 12.73 -2.70 5.98
N PRO A 254 12.96 -1.58 6.67
CA PRO A 254 12.01 -1.14 7.71
C PRO A 254 10.64 -0.82 7.12
N VAL A 255 9.58 -1.31 7.77
CA VAL A 255 8.20 -1.11 7.33
C VAL A 255 7.31 -0.70 8.51
N PHE A 256 6.61 0.43 8.36
CA PHE A 256 5.62 0.90 9.33
C PHE A 256 4.23 0.45 8.84
N VAL A 257 3.44 -0.19 9.72
CA VAL A 257 2.13 -0.74 9.35
C VAL A 257 1.01 0.08 10.00
N VAL A 258 0.09 0.58 9.17
CA VAL A 258 -1.14 1.28 9.62
C VAL A 258 -2.34 0.41 9.26
N GLN A 259 -3.18 0.06 10.25
CA GLN A 259 -4.33 -0.81 9.97
C GLN A 259 -5.43 -0.60 11.00
N TRP A 260 -6.64 -0.24 10.55
CA TRP A 260 -7.79 -0.26 11.45
C TRP A 260 -8.02 -1.68 11.98
N LEU A 261 -8.37 -1.80 13.27
CA LEU A 261 -8.66 -3.13 13.81
C LEU A 261 -9.91 -3.74 13.18
N PHE A 262 -10.86 -2.90 12.74
CA PHE A 262 -12.11 -3.37 12.15
C PHE A 262 -12.25 -2.78 10.74
N ASP A 263 -11.33 -3.16 9.85
CA ASP A 263 -11.27 -2.57 8.51
C ASP A 263 -12.50 -2.98 7.70
N GLU A 264 -13.11 -2.00 7.01
CA GLU A 264 -14.34 -2.27 6.27
C GLU A 264 -14.14 -3.25 5.12
N ALA A 265 -12.98 -3.25 4.46
CA ALA A 265 -12.75 -4.23 3.41
C ALA A 265 -12.67 -5.65 3.97
N GLN A 266 -12.02 -5.82 5.13
CA GLN A 266 -11.97 -7.11 5.81
C GLN A 266 -13.39 -7.59 6.18
N LEU A 267 -14.18 -6.71 6.80
CA LEU A 267 -15.55 -7.10 7.16
C LEU A 267 -16.41 -7.42 5.93
N THR A 268 -16.20 -6.72 4.81
CA THR A 268 -16.97 -7.03 3.60
C THR A 268 -16.68 -8.44 3.07
N VAL A 269 -15.40 -8.79 2.97
CA VAL A 269 -15.08 -10.15 2.48
C VAL A 269 -15.47 -11.20 3.51
N ASP A 270 -15.63 -10.81 4.77
CA ASP A 270 -16.12 -11.72 5.80
C ASP A 270 -17.64 -11.81 5.84
N ASN A 271 -18.34 -11.02 5.00
CA ASN A 271 -19.81 -11.06 4.91
C ASN A 271 -20.49 -10.51 6.16
N VAL A 272 -19.93 -9.43 6.72
CA VAL A 272 -20.50 -8.74 7.86
C VAL A 272 -21.04 -7.39 7.38
N HIS A 273 -22.31 -7.12 7.68
CA HIS A 273 -22.97 -5.87 7.33
C HIS A 273 -23.85 -5.40 8.50
N PRO A 278 -28.56 -3.69 15.98
CA PRO A 278 -28.88 -4.57 17.11
C PRO A 278 -28.18 -5.91 16.98
N VAL A 279 -26.95 -5.99 17.49
CA VAL A 279 -26.03 -7.08 17.20
C VAL A 279 -26.23 -8.19 18.22
N GLN A 280 -26.46 -9.42 17.73
CA GLN A 280 -26.68 -10.53 18.64
C GLN A 280 -25.37 -11.26 18.96
N GLU A 281 -25.46 -12.24 19.86
CA GLU A 281 -24.27 -12.80 20.49
C GLU A 281 -23.28 -13.37 19.48
N GLY A 282 -23.76 -14.11 18.48
CA GLY A 282 -22.85 -14.73 17.53
C GLY A 282 -22.01 -13.71 16.76
N LEU A 283 -22.63 -12.61 16.32
CA LEU A 283 -21.90 -11.60 15.58
C LEU A 283 -21.01 -10.77 16.52
N ARG A 284 -21.48 -10.50 17.75
CA ARG A 284 -20.65 -9.79 18.73
C ARG A 284 -19.34 -10.54 18.96
N LEU A 285 -19.43 -11.86 19.20
CA LEU A 285 -18.24 -12.68 19.39
C LEU A 285 -17.36 -12.67 18.15
N TYR A 286 -17.96 -12.71 16.95
CA TYR A 286 -17.17 -12.73 15.72
C TYR A 286 -16.35 -11.44 15.58
N ILE A 287 -16.99 -10.30 15.81
CA ILE A 287 -16.31 -9.01 15.68
C ILE A 287 -15.22 -8.84 16.74
N GLN A 288 -15.51 -9.24 17.98
CA GLN A 288 -14.51 -9.15 19.05
C GLN A 288 -13.30 -10.04 18.74
N ASN A 289 -13.55 -11.26 18.25
CA ASN A 289 -12.45 -12.16 17.90
C ASN A 289 -11.62 -11.61 16.75
N LEU A 290 -12.24 -10.92 15.78
CA LEU A 290 -11.49 -10.35 14.67
C LEU A 290 -10.51 -9.29 15.15
N GLY A 291 -10.96 -8.39 16.03
CA GLY A 291 -10.07 -7.37 16.58
C GLY A 291 -8.93 -7.97 17.39
N ARG A 292 -9.22 -9.00 18.19
CA ARG A 292 -8.17 -9.64 18.97
C ARG A 292 -7.13 -10.31 18.07
N GLU A 293 -7.59 -10.98 16.99
CA GLU A 293 -6.67 -11.62 16.06
C GLU A 293 -5.78 -10.60 15.36
N LEU A 294 -6.37 -9.49 14.90
N LEU A 294 -6.35 -9.48 14.91
CA LEU A 294 -5.58 -8.44 14.25
CA LEU A 294 -5.51 -8.49 14.24
C LEU A 294 -4.52 -7.90 15.20
C LEU A 294 -4.50 -7.86 15.20
N ARG A 295 -4.93 -7.59 16.43
CA ARG A 295 -4.00 -7.12 17.46
C ARG A 295 -2.87 -8.11 17.68
N HIS A 296 -3.18 -9.42 17.73
CA HIS A 296 -2.16 -10.45 17.91
C HIS A 296 -1.12 -10.45 16.78
N THR A 297 -1.56 -10.29 15.52
CA THR A 297 -0.61 -10.28 14.40
C THR A 297 0.35 -9.10 14.44
N LEU A 298 0.01 -8.04 15.19
CA LEU A 298 0.84 -6.83 15.26
C LEU A 298 1.76 -6.81 16.48
N LYS A 299 1.70 -7.83 17.34
CA LYS A 299 2.47 -7.82 18.60
C LYS A 299 3.95 -7.68 18.34
N ASP A 300 4.46 -8.33 17.28
CA ASP A 300 5.89 -8.30 16.94
C ASP A 300 6.19 -7.34 15.79
N VAL A 301 5.33 -6.35 15.56
CA VAL A 301 5.58 -5.31 14.56
C VAL A 301 5.92 -4.03 15.32
N PRO A 302 7.21 -3.69 15.45
CA PRO A 302 7.57 -2.57 16.37
C PRO A 302 7.06 -1.20 15.94
N ALA A 303 6.90 -0.93 14.64
CA ALA A 303 6.39 0.36 14.16
C ALA A 303 5.00 0.14 13.56
N SER A 304 3.96 0.51 14.30
CA SER A 304 2.59 0.24 13.86
C SER A 304 1.61 1.20 14.53
N PHE A 305 0.47 1.40 13.86
CA PHE A 305 -0.59 2.31 14.30
C PHE A 305 -1.92 1.66 13.95
N ALA A 306 -2.65 1.19 14.97
CA ALA A 306 -3.83 0.34 14.73
C ALA A 306 -4.97 0.74 15.65
N PRO A 307 -5.80 1.72 15.25
CA PRO A 307 -6.91 2.18 16.09
C PRO A 307 -8.11 1.26 16.01
N ALA A 308 -8.86 1.23 17.12
CA ALA A 308 -10.06 0.39 17.25
C ALA A 308 -11.27 1.10 16.63
N CYS A 309 -11.28 1.12 15.30
CA CYS A 309 -12.31 1.81 14.51
C CYS A 309 -12.78 0.95 13.36
N LEU A 310 -14.06 1.15 12.99
CA LEU A 310 -14.64 0.60 11.77
C LEU A 310 -14.54 1.67 10.69
N SER A 311 -13.63 1.49 9.73
CA SER A 311 -13.38 2.55 8.76
C SER A 311 -12.80 1.98 7.47
N HIS A 312 -12.97 2.77 6.41
CA HIS A 312 -12.26 2.60 5.14
C HIS A 312 -11.35 3.78 4.82
N GLU A 313 -11.13 4.69 5.78
CA GLU A 313 -10.40 5.93 5.53
C GLU A 313 -8.89 5.69 5.45
N ILE A 314 -8.21 6.49 4.62
CA ILE A 314 -6.80 6.26 4.28
C ILE A 314 -5.96 7.52 4.50
N ILE A 315 -4.63 7.34 4.45
CA ILE A 315 -3.64 8.36 4.87
C ILE A 315 -3.47 9.52 3.89
N ILE A 316 -4.11 9.47 2.73
CA ILE A 316 -4.09 10.64 1.85
C ILE A 316 -5.32 11.54 2.07
N ARG A 317 -6.13 11.25 3.09
CA ARG A 317 -7.25 12.16 3.36
C ARG A 317 -6.77 13.37 4.16
N SER A 318 -7.43 14.52 3.92
CA SER A 318 -6.92 15.78 4.45
C SER A 318 -6.94 15.82 5.98
N HIS A 319 -7.89 15.15 6.63
CA HIS A 319 -7.96 15.14 8.09
C HIS A 319 -7.28 13.92 8.72
N TRP A 320 -6.25 13.37 8.06
CA TRP A 320 -5.55 12.21 8.61
C TRP A 320 -4.87 12.50 9.95
N THR A 321 -4.68 13.77 10.32
CA THR A 321 -4.02 14.11 11.57
C THR A 321 -4.89 13.90 12.81
N ASP A 322 -6.19 13.65 12.64
CA ASP A 322 -7.12 13.77 13.77
C ASP A 322 -7.16 12.55 14.69
N VAL A 323 -6.94 11.36 14.19
N VAL A 323 -6.89 11.35 14.18
CA VAL A 323 -7.02 10.18 15.04
CA VAL A 323 -6.98 10.12 14.96
C VAL A 323 -5.79 10.10 15.93
C VAL A 323 -5.76 9.98 15.87
N GLN A 324 -5.98 9.51 17.11
CA GLN A 324 -4.90 9.28 18.06
C GLN A 324 -5.08 7.92 18.73
N VAL A 325 -3.97 7.26 19.03
CA VAL A 325 -3.94 6.05 19.85
C VAL A 325 -3.08 6.36 21.06
N LYS A 326 -3.65 6.15 22.26
CA LYS A 326 -2.95 6.44 23.51
C LYS A 326 -2.41 7.88 23.55
N GLY A 327 -3.12 8.81 22.91
CA GLY A 327 -2.74 10.21 22.90
C GLY A 327 -1.73 10.63 21.86
N THR A 328 -1.38 9.77 20.91
CA THR A 328 -0.38 10.07 19.88
C THR A 328 -1.01 9.94 18.50
N SER A 329 -0.86 10.98 17.67
CA SER A 329 -1.35 10.95 16.29
C SER A 329 -0.42 10.15 15.38
N LEU A 330 -0.90 9.82 14.17
CA LEU A 330 -0.05 9.09 13.21
C LEU A 330 1.11 9.95 12.71
N PRO A 331 0.91 11.23 12.36
CA PRO A 331 2.08 12.05 11.98
C PRO A 331 3.16 12.09 13.05
N ARG A 332 2.77 12.12 14.33
CA ARG A 332 3.77 12.06 15.41
C ARG A 332 4.48 10.72 15.43
N ALA A 333 3.72 9.61 15.33
CA ALA A 333 4.33 8.29 15.37
C ALA A 333 5.33 8.10 14.23
N LEU A 334 4.99 8.61 13.04
CA LEU A 334 5.91 8.53 11.89
C LEU A 334 7.18 9.35 12.14
N HIS A 335 7.03 10.54 12.75
CA HIS A 335 8.20 11.33 13.16
C HIS A 335 9.07 10.56 14.17
N CYS A 336 8.44 9.92 15.17
CA CYS A 336 9.21 9.11 16.13
C CYS A 336 9.92 7.95 15.44
N TRP A 337 9.28 7.35 14.43
CA TRP A 337 9.91 6.30 13.64
C TRP A 337 11.17 6.80 12.93
N ASP A 338 11.08 7.99 12.30
CA ASP A 338 12.27 8.59 11.69
C ASP A 338 13.40 8.74 12.71
N ARG A 339 13.09 9.26 13.90
CA ARG A 339 14.11 9.42 14.94
C ARG A 339 14.73 8.08 15.33
N SER A 340 13.90 7.03 15.44
CA SER A 340 14.39 5.72 15.83
C SER A 340 15.34 5.11 14.80
N LEU A 341 15.25 5.51 13.54
CA LEU A 341 16.10 4.99 12.49
C LEU A 341 17.38 5.82 12.29
N HIS A 342 17.62 6.82 13.12
CA HIS A 342 18.91 7.52 13.10
C HIS A 342 20.04 6.54 13.39
N PRO A 351 14.18 2.62 23.10
CA PRO A 351 12.96 3.44 23.02
C PRO A 351 13.21 4.89 23.41
N LEU A 352 12.44 5.79 22.80
CA LEU A 352 12.59 7.24 22.97
C LEU A 352 11.58 7.74 24.00
N LYS A 353 12.03 8.62 24.89
CA LYS A 353 11.16 9.18 25.92
C LYS A 353 10.08 10.04 25.28
N GLY A 354 8.81 9.67 25.50
CA GLY A 354 7.69 10.45 25.01
C GLY A 354 7.45 10.42 23.52
N CYS A 355 8.10 9.52 22.78
CA CYS A 355 8.00 9.46 21.32
C CYS A 355 7.79 8.01 20.90
N PRO A 356 6.59 7.48 21.07
CA PRO A 356 6.35 6.05 20.82
C PRO A 356 6.15 5.74 19.35
N VAL A 357 6.43 4.49 18.99
CA VAL A 357 6.24 4.01 17.63
C VAL A 357 5.33 2.80 17.53
N HIS A 358 5.05 2.08 18.62
CA HIS A 358 4.17 0.90 18.62
C HIS A 358 2.86 1.30 19.30
N LEU A 359 1.81 1.52 18.50
CA LEU A 359 0.56 2.11 18.99
C LEU A 359 -0.65 1.28 18.53
N VAL A 360 -1.06 0.31 19.34
CA VAL A 360 -2.13 -0.63 19.00
C VAL A 360 -3.19 -0.53 20.09
N ASP A 361 -4.43 -0.21 19.70
CA ASP A 361 -5.50 -0.11 20.70
C ASP A 361 -5.77 -1.48 21.33
N SER A 362 -6.15 -1.47 22.61
CA SER A 362 -6.52 -2.68 23.33
C SER A 362 -8.01 -2.80 23.61
N CYS A 363 -8.80 -1.76 23.37
CA CYS A 363 -10.22 -1.86 23.65
C CYS A 363 -10.94 -2.64 22.53
N PRO A 364 -12.01 -3.37 22.86
CA PRO A 364 -12.43 -4.50 22.01
C PRO A 364 -13.59 -4.27 21.05
N TRP A 365 -14.09 -3.04 20.87
CA TRP A 365 -15.28 -2.80 20.02
C TRP A 365 -15.10 -1.54 19.19
N PRO A 366 -15.60 -1.50 17.95
CA PRO A 366 -15.39 -0.28 17.13
C PRO A 366 -15.93 0.97 17.80
N HIS A 367 -15.13 2.05 17.74
CA HIS A 367 -15.40 3.38 18.29
C HIS A 367 -15.22 3.44 19.81
N CYS A 368 -14.65 2.40 20.44
CA CYS A 368 -14.20 2.54 21.82
C CYS A 368 -13.07 3.56 21.96
N ASN A 369 -12.38 3.87 20.86
CA ASN A 369 -11.46 4.99 20.80
C ASN A 369 -12.25 6.23 20.40
N PRO A 370 -12.27 7.30 21.21
CA PRO A 370 -13.15 8.45 20.91
C PRO A 370 -12.72 9.26 19.68
N SER A 371 -11.50 9.07 19.16
CA SER A 371 -11.01 9.86 18.04
C SER A 371 -11.24 9.20 16.68
N CYS A 372 -11.99 8.09 16.62
CA CYS A 372 -12.26 7.42 15.35
C CYS A 372 -12.93 8.37 14.37
N PRO A 373 -12.70 8.18 13.06
CA PRO A 373 -13.37 9.04 12.07
C PRO A 373 -14.88 8.90 12.16
N THR A 374 -15.57 10.03 12.03
CA THR A 374 -17.03 10.01 12.15
C THR A 374 -17.65 9.55 10.83
S SO4 B . -13.91 5.82 -15.70
O1 SO4 B . -12.78 5.61 -14.80
O2 SO4 B . -13.43 6.46 -16.93
O3 SO4 B . -14.54 4.53 -15.98
O4 SO4 B . -14.86 6.71 -15.03
C1 NAG C . 11.51 -1.03 -21.52
C2 NAG C . 12.96 -1.52 -21.54
C3 NAG C . 13.04 -3.01 -21.88
C4 NAG C . 12.09 -3.83 -21.02
C5 NAG C . 10.69 -3.25 -21.14
C6 NAG C . 9.67 -3.99 -20.31
C7 NAG C . 14.65 0.17 -22.13
C8 NAG C . 15.37 0.87 -23.25
N2 NAG C . 13.75 -0.74 -22.49
O3 NAG C . 14.38 -3.46 -21.69
O4 NAG C . 12.08 -5.19 -21.46
O5 NAG C . 10.73 -1.89 -20.69
O6 NAG C . 9.97 -3.93 -18.92
O7 NAG C . 14.89 0.42 -20.95
S SO4 D . -7.45 -13.47 -21.94
O1 SO4 D . -7.57 -12.26 -21.13
O2 SO4 D . -6.21 -13.41 -22.71
O3 SO4 D . -7.45 -14.65 -21.09
O4 SO4 D . -8.58 -13.57 -22.88
S SO4 E . -27.69 -11.28 22.81
O1 SO4 E . -27.21 -10.01 22.28
O2 SO4 E . -26.75 -11.79 23.80
O3 SO4 E . -29.00 -11.10 23.44
O4 SO4 E . -27.83 -12.24 21.71
S SO4 F . 13.22 -10.91 -6.78
O1 SO4 F . 14.47 -10.80 -6.02
O2 SO4 F . 13.11 -9.76 -7.68
O3 SO4 F . 12.10 -10.91 -5.85
O4 SO4 F . 13.22 -12.15 -7.56
S SO4 G . -15.13 11.37 -10.40
O1 SO4 G . -15.57 11.83 -9.08
O2 SO4 G . -13.72 11.72 -10.58
O3 SO4 G . -15.28 9.93 -10.51
O4 SO4 G . -15.93 12.04 -11.43
S SO4 H . -26.88 -10.68 11.15
O1 SO4 H . -26.84 -9.42 11.89
O2 SO4 H . -26.50 -11.77 12.06
O3 SO4 H . -28.25 -10.93 10.66
O4 SO4 H . -25.95 -10.60 10.02
C1 EDO I . 11.21 -4.95 9.00
O1 EDO I . 10.09 -5.09 8.12
C2 EDO I . 10.75 -4.29 10.28
O2 EDO I . 10.27 -2.97 9.99
C1 EDO J . 14.63 18.07 4.44
O1 EDO J . 13.45 17.41 3.97
C2 EDO J . 15.78 17.07 4.55
O2 EDO J . 16.42 16.92 3.28
C1 EDO K . -4.58 8.09 10.44
O1 EDO K . -5.71 8.97 10.55
C2 EDO K . -5.05 6.76 9.87
O2 EDO K . -5.45 6.96 8.50
C1 EDO L . -3.07 12.44 -5.18
O1 EDO L . -3.97 13.42 -5.68
C2 EDO L . -3.53 12.07 -3.77
O2 EDO L . -3.30 13.20 -2.93
C1 EDO M . -16.25 5.50 6.96
O1 EDO M . -14.98 5.00 6.51
C2 EDO M . -16.21 5.62 8.47
O2 EDO M . -14.86 5.90 8.86
C1 EDO N . -7.05 4.30 -2.90
O1 EDO N . -5.74 4.86 -2.95
C2 EDO N . -7.16 3.40 -1.68
O2 EDO N . -8.46 2.81 -1.65
C14 U35 O . -12.06 -6.19 -0.86
C11 U35 O . -8.91 -11.84 2.78
C10 U35 O . -8.45 -10.76 1.81
C12 U35 O . -10.17 -7.16 -2.33
C13 U35 O . -11.55 -6.51 -2.12
C02 U35 O . -8.60 -4.92 -1.24
C04 U35 O . -8.15 -6.36 -0.99
C06 U35 O . -9.54 -8.25 -0.13
C08 U35 O . -8.63 -8.33 1.10
C09 U35 O . -9.10 -9.40 2.09
C15 U35 O . -13.33 -5.62 -0.72
C16 U35 O . -14.10 -5.31 -1.84
C17 U35 O . -15.38 -4.75 -1.76
C18 U35 O . -16.38 -5.39 -2.49
C19 U35 O . -17.70 -4.93 -2.50
C20 U35 O . -18.03 -3.81 -1.77
C21 U35 O . -17.05 -3.14 -1.04
C22 U35 O . -15.73 -3.60 -1.02
C23 U35 O . -14.84 -2.86 -0.26
C28 U35 O . -13.59 -5.64 -3.09
C29 U35 O . -12.33 -6.22 -3.22
C30 U35 O . -7.01 -6.72 -1.96
C31 U35 O . -6.60 -8.19 -1.83
C32 U35 O . -5.78 -5.83 -1.76
N05 U35 O . -9.29 -7.25 -1.15
N24 U35 O . -13.64 -2.48 -0.63
N25 U35 O . -13.07 -1.77 0.38
N26 U35 O . -13.99 -1.73 1.40
N27 U35 O . -15.09 -2.42 0.97
O01 U35 O . -9.18 -4.30 -0.30
O03 U35 O . -8.39 -4.39 -2.36
O07 U35 O . -10.44 -9.00 -0.26
S DMS P . -12.55 12.21 8.63
O DMS P . -12.30 12.76 7.25
C1 DMS P . -12.90 13.58 9.75
C2 DMS P . -14.15 11.37 8.68
S DMS Q . -5.45 8.88 -12.32
O DMS Q . -6.93 8.78 -12.36
C1 DMS Q . -5.02 10.63 -12.12
C2 DMS Q . -4.86 8.27 -10.73
S DMS R . 9.33 18.03 7.05
O DMS R . 9.25 17.77 5.57
C1 DMS R . 10.45 16.81 7.79
C2 DMS R . 10.27 19.56 7.34
#